data_6K2F
#
_entry.id   6K2F
#
_cell.length_a   34.710
_cell.length_b   86.544
_cell.length_c   88.060
_cell.angle_alpha   90.00
_cell.angle_beta   90.00
_cell.angle_gamma   90.00
#
_symmetry.space_group_name_H-M   'P 21 21 21'
#
loop_
_entity.id
_entity.type
_entity.pdbx_description
1 polymer 'Actin binding protein family protein'
2 water water
#
_entity_poly.entity_id   1
_entity_poly.type   'polypeptide(L)'
_entity_poly.pdbx_seq_one_letter_code
;AIELSTDLINKFKDMNSSGNGRFIQATIVDETINIKAIEQGTSDFDADLDLVLKYLVEGEPSYILFRTETRDDITNGYKW
LLLAYIPDRAKVRMKMLYSSTKARFRTTLGGSTFLYEIHGTVFSDFGKSGYEAFLRHE
;
_entity_poly.pdbx_strand_id   A,B
#
# COMPACT_ATOMS: atom_id res chain seq x y z
N ALA A 1 26.69 -11.43 16.40
CA ALA A 1 25.21 -11.61 16.34
C ALA A 1 24.75 -11.53 14.89
N ILE A 2 23.48 -11.86 14.64
CA ILE A 2 22.85 -11.73 13.30
C ILE A 2 22.55 -10.25 13.10
N GLU A 3 22.95 -9.70 11.96
CA GLU A 3 22.69 -8.28 11.60
C GLU A 3 21.68 -8.23 10.45
N LEU A 4 20.95 -7.13 10.32
CA LEU A 4 20.12 -6.90 9.11
C LEU A 4 21.04 -6.82 7.90
N SER A 5 20.61 -7.39 6.78
CA SER A 5 21.35 -7.29 5.51
C SER A 5 21.29 -5.83 5.05
N THR A 6 22.30 -5.40 4.30
CA THR A 6 22.29 -4.07 3.65
C THR A 6 21.04 -3.93 2.78
N ASP A 7 20.69 -4.97 2.02
CA ASP A 7 19.52 -4.90 1.10
C ASP A 7 18.27 -4.66 1.94
N LEU A 8 18.12 -5.35 3.07
CA LEU A 8 16.91 -5.20 3.92
C LEU A 8 16.87 -3.77 4.46
N ILE A 9 17.98 -3.27 4.97
CA ILE A 9 18.00 -1.87 5.51
C ILE A 9 17.61 -0.90 4.40
N ASN A 10 18.21 -1.03 3.22
CA ASN A 10 17.91 -0.13 2.07
C ASN A 10 16.41 -0.18 1.72
N LYS A 11 15.85 -1.38 1.58
CA LYS A 11 14.44 -1.53 1.15
C LYS A 11 13.53 -0.96 2.23
N PHE A 12 13.85 -1.21 3.50
CA PHE A 12 13.09 -0.66 4.64
C PHE A 12 13.12 0.86 4.57
N LYS A 13 14.30 1.46 4.45
CA LYS A 13 14.42 2.94 4.44
C LYS A 13 13.64 3.49 3.25
N ASP A 14 13.69 2.83 2.11
CA ASP A 14 12.95 3.25 0.89
C ASP A 14 11.45 3.21 1.16
N MET A 15 10.94 2.10 1.69
CA MET A 15 9.49 1.97 1.96
C MET A 15 9.08 2.96 3.07
N ASN A 16 9.94 3.17 4.06
CA ASN A 16 9.68 4.10 5.19
C ASN A 16 9.58 5.54 4.65
N SER A 17 10.52 5.96 3.81
CA SER A 17 10.60 7.36 3.33
C SER A 17 9.57 7.61 2.23
N SER A 18 9.20 6.60 1.43
CA SER A 18 8.35 6.78 0.21
C SER A 18 6.92 6.37 0.52
N GLY A 19 6.68 5.61 1.61
CA GLY A 19 5.33 5.19 2.01
C GLY A 19 4.66 4.29 0.99
N ASN A 20 5.42 3.67 0.08
CA ASN A 20 4.90 3.13 -1.22
C ASN A 20 4.85 1.60 -1.19
N GLY A 21 4.62 1.04 -0.03
CA GLY A 21 4.40 -0.40 0.18
C GLY A 21 3.90 -0.59 1.58
N ARG A 22 3.51 -1.80 1.96
CA ARG A 22 2.93 -2.05 3.28
C ARG A 22 3.88 -2.86 4.16
N PHE A 23 4.43 -3.96 3.68
CA PHE A 23 5.28 -4.76 4.60
C PHE A 23 6.39 -5.50 3.86
N ILE A 24 7.36 -5.85 4.68
CA ILE A 24 8.56 -6.63 4.25
C ILE A 24 8.63 -7.86 5.15
N GLN A 25 8.63 -9.03 4.55
CA GLN A 25 8.85 -10.28 5.30
C GLN A 25 10.36 -10.53 5.25
N ALA A 26 10.94 -10.90 6.38
CA ALA A 26 12.39 -11.15 6.44
C ALA A 26 12.64 -12.47 7.17
N THR A 27 13.70 -13.16 6.82
CA THR A 27 14.13 -14.39 7.53
C THR A 27 15.63 -14.32 7.75
N ILE A 28 16.10 -15.13 8.69
CA ILE A 28 17.55 -15.25 8.97
C ILE A 28 18.12 -16.27 7.98
N VAL A 29 19.07 -15.81 7.17
CA VAL A 29 19.72 -16.58 6.09
C VAL A 29 21.21 -16.31 6.22
N ASP A 30 22.02 -17.35 6.27
CA ASP A 30 23.49 -17.17 6.36
C ASP A 30 23.74 -16.40 7.66
N GLU A 31 24.34 -15.20 7.63
CA GLU A 31 24.67 -14.46 8.88
C GLU A 31 23.76 -13.25 9.05
N THR A 32 22.72 -13.13 8.22
CA THR A 32 22.00 -11.84 8.12
C THR A 32 20.50 -12.07 8.13
N ILE A 33 19.77 -11.00 8.44
CA ILE A 33 18.33 -10.94 8.17
C ILE A 33 18.12 -10.44 6.75
N ASN A 34 17.48 -11.27 5.91
CA ASN A 34 17.33 -11.03 4.47
C ASN A 34 15.86 -10.82 4.13
N ILE A 35 15.59 -10.04 3.09
CA ILE A 35 14.25 -9.89 2.50
C ILE A 35 13.80 -11.26 1.99
N LYS A 36 12.62 -11.69 2.41
CA LYS A 36 11.95 -12.90 1.89
C LYS A 36 10.90 -12.49 0.87
N ALA A 37 10.15 -11.42 1.16
CA ALA A 37 9.03 -10.99 0.31
C ALA A 37 8.66 -9.56 0.66
N ILE A 38 8.08 -8.88 -0.32
CA ILE A 38 7.59 -7.49 -0.14
C ILE A 38 6.15 -7.46 -0.61
N GLU A 39 5.26 -6.86 0.20
CA GLU A 39 3.84 -6.69 -0.14
C GLU A 39 3.54 -5.20 -0.30
N GLN A 40 3.08 -4.82 -1.48
CA GLN A 40 2.70 -3.42 -1.83
C GLN A 40 1.54 -3.01 -0.93
N GLY A 41 0.58 -3.92 -0.73
CA GLY A 41 -0.65 -3.60 0.00
C GLY A 41 -1.41 -2.45 -0.64
N THR A 42 -2.14 -1.70 0.18
CA THR A 42 -3.12 -0.69 -0.25
C THR A 42 -3.05 0.50 0.72
N SER A 43 -3.96 1.43 0.58
CA SER A 43 -4.09 2.57 1.52
C SER A 43 -4.91 2.14 2.75
N ASP A 44 -5.40 0.90 2.82
CA ASP A 44 -6.29 0.39 3.91
C ASP A 44 -5.48 -0.49 4.86
N PHE A 45 -5.01 0.09 5.95
CA PHE A 45 -4.16 -0.60 6.97
C PHE A 45 -4.91 -1.83 7.49
N ASP A 46 -6.18 -1.66 7.81
CA ASP A 46 -6.98 -2.74 8.46
C ASP A 46 -7.05 -3.95 7.53
N ALA A 47 -7.43 -3.73 6.26
CA ALA A 47 -7.53 -4.80 5.24
C ALA A 47 -6.14 -5.44 5.06
N ASP A 48 -5.09 -4.62 5.03
CA ASP A 48 -3.75 -5.13 4.71
C ASP A 48 -3.24 -6.05 5.82
N LEU A 49 -3.72 -5.90 7.05
CA LEU A 49 -3.25 -6.79 8.15
C LEU A 49 -3.49 -8.24 7.75
N ASP A 50 -4.59 -8.53 7.05
CA ASP A 50 -4.94 -9.93 6.72
C ASP A 50 -3.99 -10.47 5.63
N LEU A 51 -3.32 -9.61 4.86
CA LEU A 51 -2.38 -10.08 3.79
C LEU A 51 -1.22 -10.85 4.41
N VAL A 52 -0.85 -10.56 5.66
CA VAL A 52 0.27 -11.25 6.34
C VAL A 52 0.04 -12.75 6.31
N LEU A 53 -1.21 -13.18 6.47
CA LEU A 53 -1.54 -14.62 6.60
C LEU A 53 -1.14 -15.39 5.34
N LYS A 54 -1.06 -14.72 4.20
CA LYS A 54 -0.68 -15.34 2.91
C LYS A 54 0.84 -15.59 2.83
N TYR A 55 1.63 -14.94 3.68
CA TYR A 55 3.11 -14.98 3.61
C TYR A 55 3.72 -15.87 4.69
N LEU A 56 3.04 -16.07 5.80
CA LEU A 56 3.59 -16.96 6.86
C LEU A 56 3.63 -18.39 6.34
N VAL A 57 4.65 -19.14 6.76
CA VAL A 57 4.79 -20.56 6.42
C VAL A 57 4.74 -21.35 7.73
N GLU A 58 3.76 -22.23 7.88
CA GLU A 58 3.55 -22.89 9.19
C GLU A 58 4.82 -23.62 9.62
N GLY A 59 5.24 -23.37 10.86
CA GLY A 59 6.40 -24.02 11.49
C GLY A 59 7.71 -23.33 11.16
N GLU A 60 7.71 -22.32 10.26
CA GLU A 60 8.94 -21.60 9.83
C GLU A 60 8.90 -20.20 10.41
N PRO A 61 9.80 -19.84 11.36
CA PRO A 61 9.83 -18.50 11.90
C PRO A 61 10.07 -17.48 10.78
N SER A 62 9.43 -16.32 10.90
CA SER A 62 9.72 -15.17 10.02
C SER A 62 9.36 -13.89 10.73
N TYR A 63 9.95 -12.79 10.27
CA TYR A 63 9.57 -11.45 10.72
C TYR A 63 8.76 -10.75 9.64
N ILE A 64 7.81 -9.92 10.06
CA ILE A 64 7.10 -8.99 9.14
C ILE A 64 7.28 -7.58 9.69
N LEU A 65 7.86 -6.69 8.89
CA LEU A 65 7.91 -5.26 9.19
C LEU A 65 6.70 -4.63 8.53
N PHE A 66 5.72 -4.24 9.32
CA PHE A 66 4.38 -3.85 8.82
C PHE A 66 4.19 -2.35 9.09
N ARG A 67 4.02 -1.59 8.03
CA ARG A 67 3.94 -0.12 8.12
C ARG A 67 2.56 0.31 8.62
N THR A 68 2.51 1.17 9.64
CA THR A 68 1.25 1.74 10.13
C THR A 68 0.89 2.96 9.29
N GLU A 69 -0.23 3.64 9.64
CA GLU A 69 -0.64 4.92 9.02
C GLU A 69 -0.13 6.13 9.79
N THR A 70 0.61 5.90 10.89
CA THR A 70 1.10 6.99 11.75
C THR A 70 2.47 7.43 11.23
N ARG A 71 2.63 8.71 10.96
CA ARG A 71 3.94 9.25 10.53
C ARG A 71 4.90 9.28 11.72
N ASP A 72 6.19 9.15 11.42
CA ASP A 72 7.32 9.27 12.38
C ASP A 72 8.11 10.53 12.03
N ASP A 73 7.95 11.58 12.82
CA ASP A 73 8.60 12.90 12.54
C ASP A 73 10.12 12.73 12.54
N ILE A 74 10.64 11.82 13.37
CA ILE A 74 12.10 11.64 13.58
C ILE A 74 12.77 11.21 12.27
N THR A 75 12.12 10.39 11.46
CA THR A 75 12.69 9.81 10.22
C THR A 75 11.96 10.34 8.98
N ASN A 76 10.91 11.16 9.19
CA ASN A 76 10.14 11.75 8.06
C ASN A 76 9.50 10.60 7.30
N GLY A 77 9.25 9.51 8.02
CA GLY A 77 8.66 8.29 7.48
C GLY A 77 7.44 7.89 8.30
N TYR A 78 7.39 6.64 8.71
CA TYR A 78 6.22 6.05 9.39
C TYR A 78 6.66 5.30 10.65
N LYS A 79 5.71 5.08 11.55
CA LYS A 79 5.80 4.06 12.62
C LYS A 79 5.43 2.70 12.04
N TRP A 80 6.07 1.64 12.53
CA TRP A 80 5.90 0.25 12.03
C TRP A 80 5.52 -0.67 13.19
N LEU A 81 4.98 -1.83 12.81
CA LEU A 81 4.86 -2.99 13.71
C LEU A 81 5.97 -3.98 13.36
N LEU A 82 6.57 -4.56 14.38
CA LEU A 82 7.45 -5.74 14.17
C LEU A 82 6.62 -6.96 14.54
N LEU A 83 6.25 -7.75 13.55
CA LEU A 83 5.50 -9.00 13.77
C LEU A 83 6.53 -10.11 13.77
N ALA A 84 6.63 -10.88 14.84
CA ALA A 84 7.60 -11.99 14.88
C ALA A 84 6.79 -13.26 15.02
N TYR A 85 6.76 -14.05 13.95
CA TYR A 85 6.09 -15.37 13.94
C TYR A 85 7.14 -16.40 14.35
N ILE A 86 7.04 -16.90 15.56
CA ILE A 86 8.03 -17.84 16.12
C ILE A 86 7.24 -19.01 16.67
N PRO A 87 6.86 -19.97 15.81
CA PRO A 87 6.02 -21.09 16.23
C PRO A 87 6.71 -21.99 17.26
N ASP A 88 5.95 -22.51 18.21
CA ASP A 88 6.48 -23.28 19.36
C ASP A 88 7.19 -24.54 18.87
N ARG A 89 6.79 -25.11 17.73
CA ARG A 89 7.37 -26.41 17.30
C ARG A 89 8.69 -26.18 16.56
N ALA A 90 9.06 -24.94 16.25
CA ALA A 90 10.38 -24.65 15.66
C ALA A 90 11.42 -25.17 16.67
N LYS A 91 12.54 -25.67 16.16
CA LYS A 91 13.59 -26.23 17.04
C LYS A 91 14.08 -25.13 17.98
N VAL A 92 14.53 -25.54 19.18
CA VAL A 92 14.94 -24.56 20.24
C VAL A 92 16.01 -23.61 19.69
N ARG A 93 16.99 -24.09 18.92
CA ARG A 93 18.08 -23.21 18.36
C ARG A 93 17.44 -22.09 17.52
N MET A 94 16.47 -22.43 16.67
CA MET A 94 15.83 -21.47 15.75
C MET A 94 14.94 -20.51 16.55
N LYS A 95 14.19 -21.01 17.53
CA LYS A 95 13.31 -20.13 18.32
C LYS A 95 14.17 -19.13 19.10
N MET A 96 15.30 -19.59 19.66
CA MET A 96 16.17 -18.72 20.47
C MET A 96 16.80 -17.68 19.54
N LEU A 97 17.27 -18.10 18.37
CA LEU A 97 17.89 -17.17 17.40
C LEU A 97 16.86 -16.12 16.97
N TYR A 98 15.63 -16.52 16.61
CA TYR A 98 14.63 -15.53 16.15
C TYR A 98 14.19 -14.63 17.30
N SER A 99 14.03 -15.18 18.50
CA SER A 99 13.58 -14.39 19.66
C SER A 99 14.66 -13.36 20.03
N SER A 100 15.92 -13.77 20.13
CA SER A 100 17.03 -12.87 20.55
C SER A 100 17.32 -11.82 19.47
N THR A 101 17.06 -12.13 18.20
CA THR A 101 17.40 -11.24 17.05
C THR A 101 16.30 -10.17 16.86
N LYS A 102 15.11 -10.34 17.47
CA LYS A 102 14.03 -9.31 17.41
C LYS A 102 14.59 -7.92 17.74
N ALA A 103 15.46 -7.83 18.75
CA ALA A 103 15.94 -6.53 19.28
C ALA A 103 16.79 -5.82 18.23
N ARG A 104 17.33 -6.56 17.26
CA ARG A 104 18.24 -5.97 16.25
C ARG A 104 17.45 -4.96 15.40
N PHE A 105 16.13 -5.10 15.23
CA PHE A 105 15.36 -4.17 14.36
C PHE A 105 15.40 -2.77 14.95
N ARG A 106 15.05 -2.61 16.23
CA ARG A 106 14.98 -1.25 16.84
C ARG A 106 16.38 -0.66 16.90
N THR A 107 17.39 -1.50 17.21
CA THR A 107 18.78 -1.03 17.39
C THR A 107 19.31 -0.54 16.03
N THR A 108 18.91 -1.19 14.94
CA THR A 108 19.44 -0.92 13.58
C THR A 108 18.66 0.21 12.92
N LEU A 109 17.33 0.15 13.01
CA LEU A 109 16.46 1.05 12.22
C LEU A 109 16.14 2.32 13.01
N GLY A 110 16.20 2.26 14.34
CA GLY A 110 15.97 3.41 15.22
C GLY A 110 14.87 3.13 16.22
N GLY A 111 15.02 3.66 17.43
CA GLY A 111 14.08 3.42 18.55
C GLY A 111 12.70 4.01 18.30
N SER A 112 12.56 5.00 17.40
CA SER A 112 11.27 5.66 17.07
C SER A 112 10.46 4.79 16.08
N THR A 113 11.10 3.80 15.47
CA THR A 113 10.56 3.11 14.28
C THR A 113 9.31 2.33 14.66
N PHE A 114 9.35 1.56 15.75
CA PHE A 114 8.34 0.52 16.03
C PHE A 114 7.37 1.01 17.10
N LEU A 115 6.11 1.03 16.71
CA LEU A 115 5.00 1.37 17.64
C LEU A 115 4.82 0.18 18.58
N TYR A 116 4.81 -1.04 18.00
CA TYR A 116 4.66 -2.28 18.78
C TYR A 116 5.55 -3.37 18.19
N GLU A 117 6.00 -4.26 19.07
CA GLU A 117 6.64 -5.53 18.68
C GLU A 117 5.66 -6.61 19.12
N ILE A 118 5.16 -7.41 18.19
CA ILE A 118 4.09 -8.42 18.43
C ILE A 118 4.67 -9.82 18.19
N HIS A 119 4.84 -10.56 19.28
CA HIS A 119 5.34 -11.95 19.23
C HIS A 119 4.13 -12.88 19.09
N GLY A 120 4.09 -13.72 18.07
CA GLY A 120 2.99 -14.67 17.87
C GLY A 120 3.53 -16.03 17.54
N THR A 121 2.76 -17.09 17.84
CA THR A 121 3.24 -18.49 17.64
C THR A 121 2.34 -19.22 16.64
N VAL A 122 1.21 -18.64 16.26
CA VAL A 122 0.24 -19.27 15.31
C VAL A 122 -0.22 -18.16 14.37
N PHE A 123 -0.68 -18.53 13.19
CA PHE A 123 -1.19 -17.57 12.19
C PHE A 123 -2.30 -16.69 12.78
N SER A 124 -3.13 -17.27 13.64
CA SER A 124 -4.32 -16.59 14.21
C SER A 124 -3.88 -15.50 15.22
N ASP A 125 -2.60 -15.44 15.58
CA ASP A 125 -2.05 -14.31 16.37
C ASP A 125 -1.88 -13.06 15.51
N PHE A 126 -2.03 -13.18 14.20
CA PHE A 126 -1.83 -12.08 13.24
C PHE A 126 -3.14 -11.85 12.49
N GLY A 127 -3.04 -11.15 11.36
CA GLY A 127 -4.23 -10.62 10.69
C GLY A 127 -4.90 -9.54 11.52
N LYS A 128 -5.99 -9.01 11.02
CA LYS A 128 -6.74 -7.93 11.71
C LYS A 128 -7.20 -8.42 13.08
N SER A 129 -7.76 -9.63 13.16
CA SER A 129 -8.28 -10.22 14.42
C SER A 129 -7.15 -10.31 15.44
N GLY A 130 -5.99 -10.81 15.02
CA GLY A 130 -4.85 -10.99 15.92
C GLY A 130 -4.33 -9.66 16.43
N TYR A 131 -4.35 -8.65 15.58
CA TYR A 131 -3.88 -7.29 15.97
C TYR A 131 -4.82 -6.69 17.02
N GLU A 132 -6.12 -6.80 16.77
CA GLU A 132 -7.14 -6.26 17.73
C GLU A 132 -6.98 -6.98 19.07
N ALA A 133 -6.71 -8.29 19.06
CA ALA A 133 -6.52 -9.08 20.30
C ALA A 133 -5.27 -8.60 21.03
N PHE A 134 -4.20 -8.33 20.29
CA PHE A 134 -2.94 -7.80 20.88
C PHE A 134 -3.24 -6.46 21.56
N LEU A 135 -3.97 -5.57 20.88
CA LEU A 135 -4.22 -4.20 21.41
C LEU A 135 -5.02 -4.29 22.71
N ARG A 136 -5.94 -5.24 22.81
CA ARG A 136 -6.84 -5.35 23.99
C ARG A 136 -6.00 -5.67 25.25
N HIS A 137 -4.78 -6.19 25.12
CA HIS A 137 -3.94 -6.68 26.25
C HIS A 137 -2.56 -6.02 26.31
N GLU A 138 -2.27 -5.01 25.47
CA GLU A 138 -0.92 -4.38 25.46
C GLU A 138 -0.78 -3.49 26.72
N ALA B 1 -4.55 18.91 5.92
CA ALA B 1 -4.38 17.69 5.08
C ALA B 1 -4.37 18.09 3.61
N ILE B 2 -4.03 17.16 2.71
CA ILE B 2 -4.25 17.36 1.25
C ILE B 2 -5.75 17.16 1.00
N GLU B 3 -6.39 18.11 0.30
CA GLU B 3 -7.84 18.04 0.01
C GLU B 3 -8.04 17.97 -1.49
N LEU B 4 -9.08 17.29 -1.92
CA LEU B 4 -9.50 17.38 -3.33
C LEU B 4 -9.95 18.82 -3.63
N SER B 5 -9.60 19.31 -4.83
CA SER B 5 -10.08 20.63 -5.30
C SER B 5 -11.60 20.54 -5.50
N THR B 6 -12.28 21.66 -5.41
CA THR B 6 -13.74 21.69 -5.68
C THR B 6 -13.98 21.29 -7.13
N ASP B 7 -13.13 21.72 -8.06
CA ASP B 7 -13.33 21.36 -9.49
C ASP B 7 -13.25 19.85 -9.64
N LEU B 8 -12.30 19.21 -8.97
CA LEU B 8 -12.15 17.74 -9.05
C LEU B 8 -13.39 17.05 -8.47
N ILE B 9 -13.85 17.49 -7.30
CA ILE B 9 -15.07 16.89 -6.69
C ILE B 9 -16.24 17.05 -7.65
N ASN B 10 -16.45 18.25 -8.18
CA ASN B 10 -17.62 18.53 -9.03
C ASN B 10 -17.54 17.68 -10.30
N LYS B 11 -16.39 17.59 -10.95
CA LYS B 11 -16.25 16.82 -12.21
C LYS B 11 -16.50 15.35 -11.93
N PHE B 12 -15.97 14.84 -10.81
CA PHE B 12 -16.19 13.44 -10.41
C PHE B 12 -17.69 13.20 -10.23
N LYS B 13 -18.37 14.05 -9.46
CA LYS B 13 -19.80 13.84 -9.17
C LYS B 13 -20.62 13.94 -10.44
N ASP B 14 -20.26 14.86 -11.34
CA ASP B 14 -20.94 15.01 -12.64
C ASP B 14 -20.74 13.74 -13.48
N MET B 15 -19.52 13.23 -13.57
CA MET B 15 -19.27 12.00 -14.36
C MET B 15 -19.97 10.82 -13.69
N ASN B 16 -19.95 10.75 -12.36
CA ASN B 16 -20.59 9.63 -11.62
C ASN B 16 -22.10 9.64 -11.85
N SER B 17 -22.72 10.82 -11.84
CA SER B 17 -24.19 10.92 -11.95
C SER B 17 -24.66 10.82 -13.40
N SER B 18 -23.86 11.23 -14.39
CA SER B 18 -24.25 11.27 -15.83
C SER B 18 -23.68 10.11 -16.64
N GLY B 19 -22.56 9.54 -16.23
CA GLY B 19 -21.75 8.68 -17.10
C GLY B 19 -21.15 9.42 -18.29
N ASN B 20 -21.06 10.75 -18.24
CA ASN B 20 -20.45 11.59 -19.31
C ASN B 20 -18.95 11.66 -19.07
N GLY B 21 -18.19 10.80 -19.70
CA GLY B 21 -16.72 10.77 -19.57
C GLY B 21 -16.26 9.49 -18.93
N ARG B 22 -14.99 9.17 -19.11
CA ARG B 22 -14.43 7.89 -18.64
C ARG B 22 -13.47 8.09 -17.47
N PHE B 23 -12.52 9.02 -17.54
CA PHE B 23 -11.60 9.17 -16.41
C PHE B 23 -11.11 10.59 -16.24
N ILE B 24 -10.63 10.82 -15.04
CA ILE B 24 -9.99 12.09 -14.63
C ILE B 24 -8.57 11.75 -14.19
N GLN B 25 -7.59 12.38 -14.77
CA GLN B 25 -6.21 12.34 -14.27
C GLN B 25 -6.02 13.49 -13.30
N ALA B 26 -5.49 13.18 -12.12
CA ALA B 26 -5.34 14.20 -11.05
C ALA B 26 -3.93 14.23 -10.54
N THR B 27 -3.46 15.41 -10.20
CA THR B 27 -2.12 15.64 -9.64
C THR B 27 -2.21 16.52 -8.42
N ILE B 28 -1.22 16.41 -7.58
CA ILE B 28 -1.18 17.19 -6.31
C ILE B 28 -0.35 18.45 -6.55
N VAL B 29 -0.97 19.60 -6.39
CA VAL B 29 -0.39 20.95 -6.61
C VAL B 29 -0.69 21.77 -5.36
N ASP B 30 0.32 22.41 -4.78
CA ASP B 30 0.21 23.00 -3.44
C ASP B 30 -0.25 21.85 -2.51
N GLU B 31 -1.34 22.03 -1.78
CA GLU B 31 -1.89 20.97 -0.90
C GLU B 31 -3.27 20.58 -1.43
N THR B 32 -3.45 20.59 -2.74
CA THR B 32 -4.76 20.32 -3.36
C THR B 32 -4.60 19.27 -4.44
N ILE B 33 -5.57 18.36 -4.57
CA ILE B 33 -5.60 17.43 -5.72
C ILE B 33 -6.41 18.10 -6.82
N ASN B 34 -5.77 18.33 -7.95
CA ASN B 34 -6.34 19.12 -9.07
C ASN B 34 -6.55 18.21 -10.28
N ILE B 35 -7.46 18.60 -11.14
CA ILE B 35 -7.60 17.98 -12.47
C ILE B 35 -6.35 18.31 -13.30
N LYS B 36 -5.72 17.27 -13.84
CA LYS B 36 -4.65 17.41 -14.85
C LYS B 36 -5.22 17.23 -16.25
N ALA B 37 -6.14 16.27 -16.41
CA ALA B 37 -6.72 15.93 -17.71
C ALA B 37 -8.01 15.18 -17.52
N ILE B 38 -8.84 15.23 -18.54
CA ILE B 38 -10.09 14.46 -18.59
C ILE B 38 -10.12 13.70 -19.90
N GLU B 39 -10.53 12.44 -19.85
CA GLU B 39 -10.73 11.60 -21.04
C GLU B 39 -12.20 11.22 -21.16
N GLN B 40 -12.83 11.61 -22.26
CA GLN B 40 -14.27 11.32 -22.54
C GLN B 40 -14.42 9.80 -22.73
N GLY B 41 -13.43 9.17 -23.37
CA GLY B 41 -13.50 7.73 -23.64
C GLY B 41 -14.67 7.37 -24.53
N THR B 42 -15.12 6.13 -24.37
CA THR B 42 -16.10 5.48 -25.31
C THR B 42 -17.10 4.68 -24.47
N SER B 43 -17.95 3.89 -25.12
CA SER B 43 -18.87 3.00 -24.39
C SER B 43 -18.14 1.71 -23.99
N ASP B 44 -16.87 1.52 -24.41
CA ASP B 44 -16.10 0.26 -24.21
C ASP B 44 -15.10 0.47 -23.07
N PHE B 45 -15.49 0.06 -21.85
CA PHE B 45 -14.67 0.14 -20.62
C PHE B 45 -13.32 -0.50 -20.87
N ASP B 46 -13.32 -1.70 -21.45
CA ASP B 46 -12.07 -2.49 -21.62
C ASP B 46 -11.07 -1.74 -22.48
N ALA B 47 -11.51 -1.30 -23.65
CA ALA B 47 -10.68 -0.55 -24.62
C ALA B 47 -10.19 0.72 -23.93
N ASP B 48 -11.07 1.39 -23.18
CA ASP B 48 -10.71 2.70 -22.60
C ASP B 48 -9.59 2.57 -21.58
N LEU B 49 -9.40 1.39 -20.99
CA LEU B 49 -8.28 1.21 -20.02
C LEU B 49 -6.95 1.55 -20.70
N ASP B 50 -6.82 1.27 -21.99
CA ASP B 50 -5.55 1.58 -22.72
C ASP B 50 -5.37 3.09 -22.90
N LEU B 51 -6.43 3.88 -22.87
CA LEU B 51 -6.29 5.36 -23.04
C LEU B 51 -5.44 5.96 -21.90
N VAL B 52 -5.42 5.33 -20.73
CA VAL B 52 -4.60 5.82 -19.58
C VAL B 52 -3.14 5.94 -20.02
N LEU B 53 -2.65 5.02 -20.85
CA LEU B 53 -1.23 5.00 -21.27
C LEU B 53 -0.89 6.24 -22.09
N LYS B 54 -1.90 6.92 -22.65
CA LYS B 54 -1.68 8.15 -23.43
C LYS B 54 -1.49 9.36 -22.51
N TYR B 55 -1.87 9.27 -21.24
CA TYR B 55 -1.86 10.41 -20.31
C TYR B 55 -0.77 10.30 -19.25
N LEU B 56 -0.37 9.09 -18.86
CA LEU B 56 0.73 8.97 -17.88
C LEU B 56 1.99 9.60 -18.46
N VAL B 57 2.76 10.23 -17.59
CA VAL B 57 4.04 10.85 -17.97
C VAL B 57 5.13 10.08 -17.25
N GLU B 58 6.03 9.43 -17.99
CA GLU B 58 7.04 8.55 -17.36
C GLU B 58 7.81 9.32 -16.26
N GLY B 59 7.87 8.77 -15.06
CA GLY B 59 8.62 9.34 -13.94
C GLY B 59 7.84 10.37 -13.13
N GLU B 60 6.63 10.74 -13.57
CA GLU B 60 5.79 11.75 -12.89
C GLU B 60 4.58 11.07 -12.28
N PRO B 61 4.44 11.05 -10.93
CA PRO B 61 3.29 10.43 -10.31
C PRO B 61 2.00 11.12 -10.76
N SER B 62 0.96 10.32 -10.92
CA SER B 62 -0.40 10.87 -11.06
C SER B 62 -1.42 9.83 -10.62
N TYR B 63 -2.63 10.31 -10.34
CA TYR B 63 -3.80 9.46 -10.13
C TYR B 63 -4.69 9.44 -11.37
N ILE B 64 -5.36 8.31 -11.56
CA ILE B 64 -6.48 8.21 -12.53
C ILE B 64 -7.70 7.74 -11.75
N LEU B 65 -8.75 8.54 -11.78
CA LEU B 65 -10.09 8.09 -11.33
C LEU B 65 -10.81 7.57 -12.56
N PHE B 66 -10.97 6.25 -12.63
CA PHE B 66 -11.42 5.58 -13.85
C PHE B 66 -12.81 5.00 -13.61
N ARG B 67 -13.79 5.46 -14.36
CA ARG B 67 -15.19 5.07 -14.19
C ARG B 67 -15.42 3.72 -14.83
N THR B 68 -15.93 2.75 -14.09
CA THR B 68 -16.31 1.43 -14.68
C THR B 68 -17.74 1.51 -15.22
N GLU B 69 -18.25 0.40 -15.77
CA GLU B 69 -19.69 0.32 -16.18
C GLU B 69 -20.51 -0.38 -15.10
N THR B 70 -19.91 -0.69 -13.96
CA THR B 70 -20.57 -1.43 -12.86
C THR B 70 -21.32 -0.40 -12.02
N ARG B 71 -22.60 -0.68 -11.76
CA ARG B 71 -23.45 0.25 -10.98
C ARG B 71 -22.98 0.31 -9.53
N ASP B 72 -23.04 1.50 -8.93
CA ASP B 72 -22.96 1.71 -7.47
C ASP B 72 -24.35 2.16 -6.99
N ASP B 73 -25.09 1.25 -6.38
CA ASP B 73 -26.49 1.49 -5.95
C ASP B 73 -26.50 2.64 -4.94
N ILE B 74 -25.43 2.74 -4.12
CA ILE B 74 -25.36 3.70 -2.99
C ILE B 74 -25.47 5.14 -3.53
N THR B 75 -24.87 5.44 -4.68
CA THR B 75 -24.79 6.80 -5.26
C THR B 75 -25.65 6.92 -6.53
N ASN B 76 -26.35 5.86 -6.94
CA ASN B 76 -27.10 5.82 -8.24
C ASN B 76 -26.11 6.14 -9.36
N GLY B 77 -24.87 5.71 -9.17
CA GLY B 77 -23.80 6.01 -10.11
C GLY B 77 -23.03 4.76 -10.47
N TYR B 78 -21.72 4.91 -10.41
CA TYR B 78 -20.80 3.85 -10.90
C TYR B 78 -19.77 3.54 -9.82
N LYS B 79 -19.24 2.32 -9.92
CA LYS B 79 -17.97 1.94 -9.27
C LYS B 79 -16.81 2.47 -10.10
N TRP B 80 -15.77 2.89 -9.41
CA TRP B 80 -14.56 3.47 -10.03
C TRP B 80 -13.34 2.66 -9.64
N LEU B 81 -12.29 2.82 -10.44
CA LEU B 81 -10.93 2.38 -10.07
C LEU B 81 -10.13 3.60 -9.65
N LEU B 82 -9.34 3.47 -8.60
CA LEU B 82 -8.33 4.46 -8.25
C LEU B 82 -6.99 3.88 -8.73
N LEU B 83 -6.46 4.43 -9.81
CA LEU B 83 -5.16 4.03 -10.36
C LEU B 83 -4.15 5.01 -9.81
N ALA B 84 -3.10 4.52 -9.18
CA ALA B 84 -2.06 5.40 -8.63
C ALA B 84 -0.75 5.00 -9.31
N TYR B 85 -0.28 5.85 -10.20
CA TYR B 85 1.01 5.67 -10.90
C TYR B 85 2.07 6.39 -10.08
N ILE B 86 2.92 5.62 -9.40
CA ILE B 86 3.92 6.19 -8.47
C ILE B 86 5.25 5.54 -8.82
N PRO B 87 5.92 6.06 -9.87
CA PRO B 87 7.16 5.45 -10.33
C PRO B 87 8.31 5.62 -9.32
N ASP B 88 9.18 4.61 -9.29
CA ASP B 88 10.30 4.54 -8.32
C ASP B 88 11.28 5.70 -8.50
N ARG B 89 11.41 6.27 -9.70
CA ARG B 89 12.42 7.35 -9.95
C ARG B 89 11.89 8.72 -9.49
N ALA B 90 10.61 8.83 -9.15
CA ALA B 90 10.08 10.07 -8.56
C ALA B 90 10.86 10.35 -7.27
N LYS B 91 11.01 11.63 -6.95
CA LYS B 91 11.61 12.06 -5.67
C LYS B 91 10.86 11.38 -4.52
N VAL B 92 11.60 11.00 -3.47
CA VAL B 92 11.00 10.36 -2.25
C VAL B 92 9.85 11.22 -1.73
N ARG B 93 10.00 12.56 -1.68
CA ARG B 93 8.95 13.48 -1.21
C ARG B 93 7.66 13.29 -2.02
N MET B 94 7.76 13.16 -3.34
CA MET B 94 6.58 13.03 -4.22
C MET B 94 5.97 11.63 -4.06
N LYS B 95 6.79 10.60 -3.91
CA LYS B 95 6.26 9.23 -3.71
C LYS B 95 5.48 9.18 -2.40
N MET B 96 5.99 9.84 -1.35
CA MET B 96 5.34 9.88 -0.03
C MET B 96 4.03 10.65 -0.14
N LEU B 97 4.05 11.79 -0.83
CA LEU B 97 2.84 12.62 -1.00
C LEU B 97 1.75 11.81 -1.72
N TYR B 98 2.08 11.15 -2.81
CA TYR B 98 1.08 10.42 -3.61
C TYR B 98 0.63 9.16 -2.86
N SER B 99 1.53 8.48 -2.18
CA SER B 99 1.20 7.24 -1.43
C SER B 99 0.23 7.59 -0.29
N SER B 100 0.60 8.59 0.50
CA SER B 100 -0.11 8.96 1.75
C SER B 100 -1.48 9.56 1.44
N THR B 101 -1.65 10.14 0.25
CA THR B 101 -2.89 10.86 -0.13
C THR B 101 -3.93 9.91 -0.73
N LYS B 102 -3.57 8.67 -1.03
CA LYS B 102 -4.50 7.74 -1.73
C LYS B 102 -5.85 7.67 -1.01
N ALA B 103 -5.84 7.58 0.31
CA ALA B 103 -7.05 7.34 1.12
C ALA B 103 -7.98 8.55 1.04
N ARG B 104 -7.50 9.72 0.62
CA ARG B 104 -8.32 10.96 0.64
C ARG B 104 -9.49 10.81 -0.34
N PHE B 105 -9.36 10.00 -1.39
CA PHE B 105 -10.41 9.88 -2.42
C PHE B 105 -11.64 9.22 -1.79
N ARG B 106 -11.49 8.09 -1.11
CA ARG B 106 -12.67 7.37 -0.55
C ARG B 106 -13.25 8.21 0.59
N THR B 107 -12.41 8.90 1.35
CA THR B 107 -12.84 9.72 2.51
C THR B 107 -13.72 10.87 2.00
N THR B 108 -13.35 11.45 0.86
CA THR B 108 -14.02 12.66 0.33
C THR B 108 -15.22 12.27 -0.53
N LEU B 109 -15.04 11.28 -1.39
CA LEU B 109 -16.04 10.99 -2.45
C LEU B 109 -17.05 9.96 -1.96
N GLY B 110 -16.69 9.12 -0.99
CA GLY B 110 -17.60 8.13 -0.42
C GLY B 110 -16.98 6.75 -0.45
N GLY B 111 -17.22 5.96 0.60
CA GLY B 111 -16.55 4.66 0.78
C GLY B 111 -16.99 3.63 -0.26
N SER B 112 -18.14 3.82 -0.91
CA SER B 112 -18.71 2.87 -1.91
C SER B 112 -18.08 3.11 -3.28
N THR B 113 -17.34 4.21 -3.46
CA THR B 113 -16.95 4.72 -4.78
C THR B 113 -16.07 3.71 -5.52
N PHE B 114 -15.03 3.19 -4.85
CA PHE B 114 -13.94 2.46 -5.54
C PHE B 114 -14.13 0.95 -5.41
N LEU B 115 -14.17 0.32 -6.58
CA LEU B 115 -14.18 -1.16 -6.68
C LEU B 115 -12.79 -1.65 -6.29
N TYR B 116 -11.77 -1.03 -6.85
CA TYR B 116 -10.36 -1.38 -6.57
C TYR B 116 -9.47 -0.14 -6.55
N GLU B 117 -8.40 -0.24 -5.79
CA GLU B 117 -7.27 0.69 -5.77
C GLU B 117 -6.09 -0.07 -6.34
N ILE B 118 -5.52 0.44 -7.42
CA ILE B 118 -4.45 -0.23 -8.19
C ILE B 118 -3.21 0.66 -8.17
N HIS B 119 -2.19 0.22 -7.43
CA HIS B 119 -0.89 0.92 -7.38
C HIS B 119 0.01 0.33 -8.45
N GLY B 120 0.65 1.17 -9.25
CA GLY B 120 1.61 0.71 -10.26
C GLY B 120 2.83 1.61 -10.28
N THR B 121 3.93 1.13 -10.79
CA THR B 121 5.21 1.88 -10.84
C THR B 121 5.71 1.99 -12.29
N VAL B 122 5.11 1.27 -13.23
CA VAL B 122 5.50 1.30 -14.67
C VAL B 122 4.21 1.32 -15.49
N PHE B 123 4.31 1.77 -16.73
CA PHE B 123 3.16 1.88 -17.64
C PHE B 123 2.48 0.51 -17.79
N SER B 124 3.26 -0.57 -17.83
CA SER B 124 2.72 -1.93 -18.06
C SER B 124 1.90 -2.43 -16.84
N ASP B 125 1.90 -1.71 -15.72
CA ASP B 125 0.96 -2.01 -14.60
C ASP B 125 -0.45 -1.53 -14.92
N PHE B 126 -0.61 -0.75 -15.99
CA PHE B 126 -1.90 -0.15 -16.39
C PHE B 126 -2.26 -0.60 -17.80
N GLY B 127 -3.22 0.08 -18.40
CA GLY B 127 -3.85 -0.41 -19.62
C GLY B 127 -4.73 -1.61 -19.35
N LYS B 128 -5.34 -2.14 -20.39
CA LYS B 128 -6.19 -3.34 -20.30
C LYS B 128 -5.34 -4.53 -19.77
N SER B 129 -4.14 -4.73 -20.30
CA SER B 129 -3.28 -5.84 -19.85
C SER B 129 -2.93 -5.69 -18.37
N GLY B 130 -2.69 -4.49 -17.89
CA GLY B 130 -2.34 -4.27 -16.47
C GLY B 130 -3.54 -4.53 -15.59
N TYR B 131 -4.74 -4.21 -16.05
CA TYR B 131 -5.97 -4.48 -15.28
C TYR B 131 -6.22 -5.97 -15.19
N GLU B 132 -6.05 -6.69 -16.30
CA GLU B 132 -6.18 -8.17 -16.31
C GLU B 132 -5.15 -8.78 -15.34
N ALA B 133 -3.94 -8.24 -15.30
CA ALA B 133 -2.87 -8.74 -14.40
C ALA B 133 -3.29 -8.49 -12.95
N PHE B 134 -3.84 -7.32 -12.67
CA PHE B 134 -4.32 -6.99 -11.32
C PHE B 134 -5.43 -7.97 -10.91
N LEU B 135 -6.39 -8.22 -11.80
CA LEU B 135 -7.55 -9.08 -11.47
C LEU B 135 -7.07 -10.51 -11.24
N ARG B 136 -6.09 -10.95 -12.01
CA ARG B 136 -5.60 -12.35 -11.94
C ARG B 136 -4.92 -12.56 -10.58
N HIS B 137 -4.18 -11.56 -10.10
CA HIS B 137 -3.56 -11.56 -8.74
C HIS B 137 -4.61 -11.31 -7.64
N GLU B 138 -5.82 -10.90 -8.02
CA GLU B 138 -7.02 -10.83 -7.13
C GLU B 138 -6.81 -9.67 -6.15
#